data_4U90
#
_entry.id   4U90
#
_cell.length_a   88.538
_cell.length_b   99.240
_cell.length_c   114.406
_cell.angle_alpha   90.00
_cell.angle_beta   90.00
_cell.angle_gamma   90.00
#
_symmetry.space_group_name_H-M   'I 2 2 2'
#
loop_
_entity.id
_entity.type
_entity.pdbx_description
1 polymer Gephyrin
2 polymer 'Gamma-aminobutyric acid receptor subunit alpha-3'
3 non-polymer 1,4-BUTANEDIOL
4 non-polymer "1,1'-[ethane-1,2-diylbis(oxyethane-2,1-diyl)]bis(1H-pyrrole-2,5-dione)"
5 water water
#
loop_
_entity_poly.entity_id
_entity_poly.type
_entity_poly.pdbx_seq_one_letter_code
_entity_poly.pdbx_strand_id
1 'polypeptide(L)'
;MSPFPLTSMDKAFITVLEMTPVLGTEIINYRDGMGRVLAQDVYAKDNLPPFPASVKDGYAVRAADGPGDRFIIGESQAGE
QPTQTVMPGQVMRVTTGAPIPCGADAVVQVEDTELIRESDDGTEELEVRILVQARPGQDIRPIGHDIKRGECVLAKGTHM
GPSEIGLLATVGVTEVEVNKFPVVAVMSTGNELLNPEDDLLPGKIRDSNRSTLLATIQEHGYPTINLGIVGDNPDDLLNA
LNEGISRADVIITSGGVSMGEKDYLKQVLDIDLHAQIHFGRVFMKPGLPTTFATLDIDGVRKIIFALPGNPVSAVVTCNL
FVVPALRKMQGILDPRPTIIKARLSCDVKLDPRPEYHRCILTWHHQEPLPWAQSTGNQMSSRLMSMRSANGLLMLPPKTE
QYVELHKGEVVDVMVIGRL
;
A
2 'polypeptide(L)' FNIVGTTYPC D,E
#
# COMPACT_ATOMS: atom_id res chain seq x y z
N SER A 2 25.46 -24.20 -16.25
CA SER A 2 24.34 -25.12 -15.90
C SER A 2 24.74 -26.62 -15.73
N PRO A 3 24.17 -27.33 -14.73
CA PRO A 3 23.20 -26.76 -13.78
C PRO A 3 23.76 -25.47 -13.15
N PHE A 4 23.05 -24.34 -13.27
CA PHE A 4 23.59 -23.02 -12.85
C PHE A 4 23.97 -23.15 -11.41
N PRO A 5 24.92 -22.34 -10.94
CA PRO A 5 25.22 -22.34 -9.51
C PRO A 5 23.96 -22.06 -8.63
N LEU A 6 23.86 -22.78 -7.53
CA LEU A 6 22.86 -22.53 -6.55
C LEU A 6 23.14 -21.17 -5.94
N THR A 7 22.16 -20.28 -5.95
CA THR A 7 22.30 -19.01 -5.29
C THR A 7 21.48 -19.04 -4.00
N SER A 8 22.00 -18.37 -2.98
CA SER A 8 21.32 -18.33 -1.70
C SER A 8 20.05 -17.49 -1.87
N MET A 9 19.09 -17.68 -1.00
CA MET A 9 17.87 -16.90 -1.06
C MET A 9 18.17 -15.41 -0.85
N ASP A 10 18.96 -15.09 0.19
CA ASP A 10 19.41 -13.70 0.45
C ASP A 10 20.09 -13.04 -0.73
N LYS A 11 20.99 -13.73 -1.43
CA LYS A 11 21.65 -13.08 -2.57
C LYS A 11 20.65 -12.95 -3.71
N ALA A 12 19.83 -13.97 -3.94
CA ALA A 12 18.82 -13.88 -5.01
C ALA A 12 17.92 -12.66 -4.77
N PHE A 13 17.46 -12.52 -3.54
CA PHE A 13 16.52 -11.42 -3.27
C PHE A 13 17.14 -10.03 -3.45
N ILE A 14 18.32 -9.85 -2.87
CA ILE A 14 19.01 -8.61 -2.99
C ILE A 14 19.36 -8.28 -4.44
N THR A 15 19.76 -9.31 -5.18
CA THR A 15 20.07 -9.13 -6.57
C THR A 15 18.85 -8.63 -7.35
N VAL A 16 17.67 -9.18 -7.06
CA VAL A 16 16.47 -8.66 -7.70
C VAL A 16 16.26 -7.17 -7.42
N LEU A 17 16.31 -6.76 -6.16
CA LEU A 17 16.11 -5.36 -5.84
C LEU A 17 17.21 -4.46 -6.41
N GLU A 18 18.47 -4.92 -6.30
CA GLU A 18 19.59 -4.07 -6.78
C GLU A 18 19.47 -3.83 -8.27
N MET A 19 19.14 -4.87 -9.00
CA MET A 19 19.16 -4.79 -10.47
C MET A 19 17.90 -4.21 -11.12
N THR A 20 16.79 -4.17 -10.39
CA THR A 20 15.52 -3.68 -10.93
C THR A 20 15.58 -2.16 -11.02
N PRO A 21 15.12 -1.56 -12.12
CA PRO A 21 15.15 -0.16 -12.18
C PRO A 21 13.92 0.49 -11.63
N VAL A 22 14.05 1.78 -11.41
CA VAL A 22 12.96 2.64 -11.08
C VAL A 22 12.44 3.26 -12.33
N LEU A 23 11.14 3.14 -12.57
CA LEU A 23 10.56 3.71 -13.74
C LEU A 23 10.61 5.20 -13.73
N GLY A 24 10.41 5.77 -14.93
CA GLY A 24 10.33 7.20 -15.15
C GLY A 24 9.04 7.76 -14.61
N THR A 25 8.87 9.07 -14.78
CA THR A 25 7.77 9.75 -14.19
C THR A 25 6.79 10.20 -15.28
N GLU A 26 5.63 10.59 -14.82
CA GLU A 26 4.56 11.10 -15.70
C GLU A 26 3.63 11.94 -14.90
N ILE A 27 2.86 12.79 -15.58
CA ILE A 27 1.88 13.62 -14.90
C ILE A 27 0.51 12.95 -14.95
N ILE A 28 -0.19 12.82 -13.78
CA ILE A 28 -1.54 12.29 -13.77
C ILE A 28 -2.51 13.21 -13.08
N ASN A 29 -3.78 12.92 -13.28
CA ASN A 29 -4.87 13.56 -12.54
C ASN A 29 -4.92 12.96 -11.12
N TYR A 30 -5.21 13.80 -10.15
CA TYR A 30 -5.13 13.38 -8.74
C TYR A 30 -6.06 12.14 -8.44
N ARG A 31 -7.21 12.06 -9.07
CA ARG A 31 -8.16 10.90 -8.88
C ARG A 31 -7.63 9.59 -9.27
N ASP A 32 -6.65 9.55 -10.14
CA ASP A 32 -5.93 8.34 -10.51
C ASP A 32 -4.73 8.06 -9.66
N GLY A 33 -4.58 8.75 -8.54
CA GLY A 33 -3.37 8.67 -7.78
C GLY A 33 -3.22 7.53 -6.81
N MET A 34 -4.24 6.69 -6.67
CA MET A 34 -4.15 5.58 -5.72
C MET A 34 -3.02 4.63 -5.96
N GLY A 35 -2.18 4.49 -4.96
CA GLY A 35 -1.07 3.59 -5.07
C GLY A 35 0.13 4.19 -5.76
N ARG A 36 0.02 5.42 -6.24
CA ARG A 36 1.14 6.05 -6.90
C ARG A 36 2.08 6.67 -5.87
N VAL A 37 3.31 6.82 -6.29
CA VAL A 37 4.35 7.53 -5.55
C VAL A 37 4.63 8.86 -6.16
N LEU A 38 4.50 9.91 -5.37
CA LEU A 38 4.81 11.28 -5.82
C LEU A 38 6.24 11.50 -6.21
N ALA A 39 6.42 12.14 -7.34
CA ALA A 39 7.75 12.44 -7.83
C ALA A 39 8.01 13.93 -7.73
N GLN A 40 7.19 14.70 -7.00
CA GLN A 40 7.37 16.12 -6.75
C GLN A 40 6.90 16.36 -5.30
N ASP A 41 7.44 17.40 -4.68
CA ASP A 41 6.83 17.98 -3.53
C ASP A 41 5.54 18.74 -3.92
N VAL A 42 4.55 18.78 -3.04
CA VAL A 42 3.31 19.43 -3.25
C VAL A 42 3.10 20.47 -2.21
N TYR A 43 2.86 21.70 -2.68
CA TYR A 43 2.73 22.86 -1.84
C TYR A 43 1.29 23.37 -1.86
N ALA A 44 0.84 23.93 -0.75
CA ALA A 44 -0.42 24.64 -0.68
C ALA A 44 -0.30 26.02 -1.24
N LYS A 45 -1.27 26.43 -2.00
CA LYS A 45 -1.22 27.78 -2.55
C LYS A 45 -2.26 28.67 -1.88
N ASP A 46 -3.06 28.16 -0.95
CA ASP A 46 -3.93 28.98 -0.17
C ASP A 46 -3.87 28.51 1.25
N ASN A 47 -4.46 29.30 2.15
CA ASN A 47 -4.70 28.92 3.53
C ASN A 47 -5.95 28.10 3.74
N LEU A 48 -5.88 27.15 4.68
CA LEU A 48 -7.05 26.37 5.13
C LEU A 48 -7.13 26.59 6.68
N PRO A 49 -8.23 27.16 7.18
CA PRO A 49 -9.27 27.77 6.34
C PRO A 49 -8.70 29.05 5.77
N PRO A 50 -9.29 29.56 4.70
CA PRO A 50 -8.81 30.82 4.13
C PRO A 50 -9.44 32.10 4.71
N PHE A 51 -10.39 31.96 5.63
CA PHE A 51 -11.09 33.02 6.34
C PHE A 51 -11.15 32.53 7.79
N PRO A 52 -11.32 33.42 8.79
CA PRO A 52 -11.51 32.91 10.15
C PRO A 52 -12.84 32.17 10.21
N ALA A 53 -12.88 30.94 10.69
CA ALA A 53 -14.05 30.11 10.65
C ALA A 53 -14.55 29.74 12.00
N SER A 54 -15.86 29.76 12.20
CA SER A 54 -16.42 29.28 13.46
C SER A 54 -16.27 27.78 13.66
N VAL A 55 -15.93 27.39 14.88
CA VAL A 55 -15.87 25.98 15.25
C VAL A 55 -17.25 25.48 15.67
N LYS A 56 -18.17 26.37 15.98
CA LYS A 56 -19.41 26.00 16.62
C LYS A 56 -20.58 26.74 16.12
N ASP A 57 -21.76 26.13 16.33
CA ASP A 57 -23.07 26.83 16.21
C ASP A 57 -23.15 27.73 17.43
N GLY A 58 -23.38 29.02 17.22
CA GLY A 58 -23.40 29.96 18.32
C GLY A 58 -23.50 31.35 17.77
N TYR A 59 -22.68 32.21 18.37
CA TYR A 59 -22.71 33.64 18.10
C TYR A 59 -21.31 34.12 18.13
N ALA A 60 -21.03 34.97 17.17
CA ALA A 60 -19.81 35.68 17.10
C ALA A 60 -19.94 36.94 17.98
N VAL A 61 -19.02 37.09 18.91
CA VAL A 61 -19.13 38.19 19.87
C VAL A 61 -17.87 39.03 19.97
N ARG A 62 -17.98 40.19 20.63
CA ARG A 62 -16.77 40.83 21.25
C ARG A 62 -16.51 40.30 22.63
N ALA A 63 -15.39 39.64 22.83
CA ALA A 63 -15.10 39.10 24.14
C ALA A 63 -15.12 40.21 25.24
N ALA A 64 -14.73 41.45 24.87
CA ALA A 64 -14.73 42.62 25.75
C ALA A 64 -16.11 43.02 26.25
N ASP A 65 -17.19 42.66 25.57
CA ASP A 65 -18.48 43.02 26.03
C ASP A 65 -18.84 42.18 27.26
N GLY A 66 -18.15 41.08 27.50
CA GLY A 66 -18.46 40.20 28.59
C GLY A 66 -19.82 39.53 28.45
N PRO A 67 -20.34 38.92 29.51
CA PRO A 67 -21.70 38.37 29.46
C PRO A 67 -22.77 39.45 29.43
N GLY A 68 -23.97 39.11 28.99
CA GLY A 68 -25.06 40.05 28.98
C GLY A 68 -25.95 39.94 27.79
N ASP A 69 -26.88 40.88 27.66
CA ASP A 69 -27.95 40.83 26.68
C ASP A 69 -27.51 41.60 25.38
N ARG A 70 -27.78 41.05 24.20
CA ARG A 70 -27.14 41.48 22.96
C ARG A 70 -28.12 41.46 21.85
N PHE A 71 -27.97 42.43 20.95
CA PHE A 71 -28.79 42.44 19.76
C PHE A 71 -28.04 41.54 18.76
N ILE A 72 -28.80 40.73 18.09
CA ILE A 72 -28.31 39.91 17.02
C ILE A 72 -28.52 40.69 15.73
N ILE A 73 -27.43 41.07 15.08
CA ILE A 73 -27.54 41.95 13.89
C ILE A 73 -27.70 41.19 12.60
N GLY A 74 -27.61 39.87 12.67
CA GLY A 74 -27.55 39.03 11.47
C GLY A 74 -27.03 37.62 11.73
N GLU A 75 -26.76 36.91 10.62
CA GLU A 75 -26.37 35.51 10.58
C GLU A 75 -25.18 35.36 9.57
N SER A 76 -24.16 34.61 9.95
CA SER A 76 -23.10 34.24 9.01
C SER A 76 -23.29 32.77 8.84
N GLN A 77 -23.29 32.39 7.61
CA GLN A 77 -23.47 30.99 7.25
C GLN A 77 -22.40 30.55 6.26
N ALA A 78 -22.18 29.23 6.32
CA ALA A 78 -21.27 28.51 5.46
C ALA A 78 -21.42 28.97 4.03
N GLY A 79 -20.31 29.42 3.45
CA GLY A 79 -20.25 29.68 2.01
C GLY A 79 -20.46 31.12 1.62
N GLU A 80 -20.79 31.95 2.61
CA GLU A 80 -21.05 33.38 2.35
C GLU A 80 -20.10 34.23 3.20
N GLN A 81 -19.48 35.20 2.58
CA GLN A 81 -18.75 36.30 3.24
C GLN A 81 -19.71 37.32 3.89
N PRO A 82 -19.53 37.61 5.21
CA PRO A 82 -20.49 38.56 5.84
C PRO A 82 -20.15 40.00 5.53
N THR A 83 -21.17 40.81 5.40
CA THR A 83 -21.00 42.22 5.00
C THR A 83 -21.12 43.21 6.18
N GLN A 84 -21.55 42.73 7.33
CA GLN A 84 -21.71 43.57 8.53
C GLN A 84 -20.57 43.44 9.50
N THR A 85 -20.38 44.50 10.28
CA THR A 85 -19.38 44.57 11.30
C THR A 85 -20.12 44.51 12.67
N VAL A 86 -19.62 43.66 13.55
CA VAL A 86 -20.19 43.52 14.88
C VAL A 86 -19.61 44.64 15.76
N MET A 87 -20.51 45.48 16.27
CA MET A 87 -20.20 46.59 17.15
C MET A 87 -20.46 46.23 18.64
N PRO A 88 -19.99 47.08 19.59
CA PRO A 88 -20.19 46.77 20.99
C PRO A 88 -21.66 46.56 21.34
N GLY A 89 -21.97 45.44 22.00
CA GLY A 89 -23.37 45.13 22.40
C GLY A 89 -24.15 44.41 21.31
N GLN A 90 -23.49 44.05 20.19
CA GLN A 90 -24.14 43.22 19.17
C GLN A 90 -23.42 41.87 19.02
N VAL A 91 -24.13 40.93 18.38
CA VAL A 91 -23.52 39.67 18.01
C VAL A 91 -24.05 39.24 16.66
N MET A 92 -23.41 38.26 16.07
CA MET A 92 -23.92 37.69 14.83
C MET A 92 -24.03 36.23 15.03
N ARG A 93 -25.14 35.66 14.64
CA ARG A 93 -25.27 34.21 14.71
C ARG A 93 -24.29 33.55 13.73
N VAL A 94 -23.68 32.42 14.12
CA VAL A 94 -22.78 31.65 13.26
C VAL A 94 -23.19 30.19 13.33
N THR A 95 -22.89 29.45 12.27
CA THR A 95 -22.97 28.02 12.27
C THR A 95 -21.55 27.54 12.15
N THR A 96 -21.34 26.25 12.46
CA THR A 96 -20.05 25.63 12.28
C THR A 96 -19.53 25.82 10.87
N GLY A 97 -18.31 26.32 10.75
CA GLY A 97 -17.69 26.62 9.43
C GLY A 97 -17.91 27.96 8.80
N ALA A 98 -18.82 28.73 9.38
CA ALA A 98 -19.10 30.01 8.87
C ALA A 98 -17.99 31.00 9.15
N PRO A 99 -17.77 31.97 8.24
CA PRO A 99 -16.74 32.95 8.45
C PRO A 99 -17.17 33.92 9.57
N ILE A 100 -16.20 34.38 10.29
CA ILE A 100 -16.43 35.29 11.39
C ILE A 100 -16.49 36.71 10.88
N PRO A 101 -17.50 37.50 11.30
CA PRO A 101 -17.54 38.82 10.68
C PRO A 101 -16.51 39.75 11.31
N CYS A 102 -16.27 40.85 10.59
CA CYS A 102 -15.50 41.94 11.14
C CYS A 102 -16.10 42.42 12.45
N GLY A 103 -15.23 42.62 13.43
CA GLY A 103 -15.58 43.22 14.71
C GLY A 103 -15.82 42.23 15.84
N ALA A 104 -15.84 40.94 15.50
CA ALA A 104 -16.05 39.89 16.51
C ALA A 104 -14.75 39.18 16.67
N ASP A 105 -14.46 38.71 17.85
N ASP A 105 -14.45 38.74 17.87
CA ASP A 105 -13.19 38.11 18.07
CA ASP A 105 -13.18 38.11 18.09
C ASP A 105 -13.26 36.80 18.81
C ASP A 105 -13.26 36.79 18.80
N ALA A 106 -14.49 36.31 19.01
CA ALA A 106 -14.73 35.03 19.72
C ALA A 106 -16.07 34.51 19.35
N VAL A 107 -16.25 33.23 19.55
CA VAL A 107 -17.52 32.57 19.32
C VAL A 107 -17.94 31.94 20.61
N VAL A 108 -19.21 32.17 20.97
CA VAL A 108 -19.81 31.54 22.13
C VAL A 108 -20.79 30.56 21.56
N GLN A 109 -20.65 29.33 21.99
CA GLN A 109 -21.53 28.30 21.55
C GLN A 109 -22.99 28.49 22.05
N VAL A 110 -23.91 27.97 21.28
CA VAL A 110 -25.31 28.18 21.54
C VAL A 110 -25.79 27.68 22.92
N GLU A 111 -25.15 26.66 23.43
CA GLU A 111 -25.48 26.11 24.72
C GLU A 111 -25.15 27.04 25.87
N ASP A 112 -24.23 27.97 25.66
CA ASP A 112 -23.85 29.05 26.63
C ASP A 112 -24.61 30.38 26.43
N THR A 113 -25.82 30.24 25.89
CA THR A 113 -26.69 31.34 25.60
C THR A 113 -28.13 30.99 25.87
N GLU A 114 -28.96 32.02 25.95
CA GLU A 114 -30.40 31.88 26.00
C GLU A 114 -30.99 32.96 25.17
N LEU A 115 -31.92 32.52 24.35
CA LEU A 115 -32.57 33.44 23.46
C LEU A 115 -33.61 34.26 24.23
N ILE A 116 -33.59 35.54 24.04
CA ILE A 116 -34.54 36.38 24.65
C ILE A 116 -35.80 36.62 23.79
N ARG A 117 -35.62 37.04 22.54
CA ARG A 117 -36.72 37.42 21.65
C ARG A 117 -36.48 36.89 20.23
N GLU A 118 -37.56 36.48 19.59
CA GLU A 118 -37.57 36.09 18.22
C GLU A 118 -38.66 36.92 17.51
N SER A 119 -38.59 36.96 16.17
CA SER A 119 -39.59 37.64 15.31
C SER A 119 -40.94 37.00 15.52
N ASP A 120 -41.97 37.78 15.24
CA ASP A 120 -43.36 37.37 15.45
C ASP A 120 -43.60 36.04 14.78
N ASP A 121 -43.07 35.89 13.56
CA ASP A 121 -43.27 34.64 12.78
C ASP A 121 -42.40 33.50 13.28
N GLY A 122 -41.39 33.83 14.08
CA GLY A 122 -40.57 32.83 14.75
C GLY A 122 -39.44 32.31 13.87
N THR A 123 -39.24 32.94 12.72
CA THR A 123 -38.17 32.57 11.78
C THR A 123 -36.82 33.20 12.13
N GLU A 124 -36.86 34.24 12.94
CA GLU A 124 -35.71 35.12 13.11
C GLU A 124 -35.45 35.58 14.57
N GLU A 125 -34.28 35.19 15.07
CA GLU A 125 -33.83 35.53 16.43
C GLU A 125 -33.41 36.96 16.48
N LEU A 126 -33.81 37.71 17.52
CA LEU A 126 -33.47 39.14 17.62
C LEU A 126 -32.52 39.55 18.74
N GLU A 127 -32.54 38.82 19.84
CA GLU A 127 -31.79 39.24 21.02
C GLU A 127 -31.47 38.01 21.83
N VAL A 128 -30.26 37.97 22.35
CA VAL A 128 -29.77 36.82 23.04
C VAL A 128 -28.91 37.20 24.26
N ARG A 129 -29.03 36.35 25.29
CA ARG A 129 -28.28 36.44 26.51
C ARG A 129 -27.04 35.56 26.42
N ILE A 130 -25.89 36.18 26.47
CA ILE A 130 -24.60 35.49 26.48
C ILE A 130 -24.23 35.24 27.90
N LEU A 131 -24.02 33.98 28.28
CA LEU A 131 -24.03 33.59 29.66
C LEU A 131 -22.61 33.42 30.18
N VAL A 132 -21.60 33.51 29.32
CA VAL A 132 -20.21 33.22 29.70
C VAL A 132 -19.34 34.38 29.27
N GLN A 133 -18.13 34.42 29.85
CA GLN A 133 -17.03 35.32 29.46
C GLN A 133 -16.21 34.53 28.46
N ALA A 134 -16.23 34.96 27.23
CA ALA A 134 -15.42 34.31 26.18
C ALA A 134 -13.95 34.65 26.36
N ARG A 135 -13.11 33.63 26.22
CA ARG A 135 -11.67 33.84 25.92
C ARG A 135 -11.48 34.37 24.50
N PRO A 136 -10.63 35.41 24.31
CA PRO A 136 -10.48 35.88 22.92
C PRO A 136 -10.01 34.77 21.97
N GLY A 137 -10.57 34.76 20.76
CA GLY A 137 -10.27 33.74 19.80
C GLY A 137 -10.88 32.40 20.07
N GLN A 138 -11.62 32.30 21.16
CA GLN A 138 -12.34 31.10 21.50
C GLN A 138 -13.29 30.62 20.39
N ASP A 139 -13.25 29.33 20.14
CA ASP A 139 -14.07 28.64 19.17
C ASP A 139 -13.96 29.20 17.71
N ILE A 140 -12.87 29.90 17.43
CA ILE A 140 -12.51 30.28 16.06
C ILE A 140 -11.24 29.51 15.52
N ARG A 141 -11.34 28.97 14.30
CA ARG A 141 -10.16 28.49 13.53
C ARG A 141 -9.61 29.66 12.73
N PRO A 142 -8.45 30.20 13.14
CA PRO A 142 -7.93 31.34 12.38
C PRO A 142 -7.47 30.88 10.97
N ILE A 143 -7.36 31.85 10.10
CA ILE A 143 -6.79 31.70 8.77
C ILE A 143 -5.52 30.89 8.86
N GLY A 144 -5.48 29.77 8.15
CA GLY A 144 -4.25 29.04 8.02
C GLY A 144 -3.92 28.13 9.15
N HIS A 145 -4.85 27.97 10.07
CA HIS A 145 -4.67 27.07 11.19
C HIS A 145 -4.38 25.61 10.81
N ASP A 146 -5.00 25.14 9.73
CA ASP A 146 -4.74 23.76 9.31
C ASP A 146 -3.65 23.67 8.25
N ILE A 147 -3.68 24.58 7.26
CA ILE A 147 -2.67 24.59 6.25
C ILE A 147 -2.34 26.02 6.01
N LYS A 148 -1.05 26.29 5.88
CA LYS A 148 -0.61 27.61 5.46
C LYS A 148 -0.21 27.65 4.02
N ARG A 149 -0.58 28.72 3.39
CA ARG A 149 -0.08 28.99 2.09
C ARG A 149 1.43 28.90 2.05
N GLY A 150 1.93 28.24 1.04
CA GLY A 150 3.37 28.02 0.89
C GLY A 150 3.93 26.81 1.63
N GLU A 151 3.13 26.14 2.40
CA GLU A 151 3.56 24.97 3.13
C GLU A 151 3.63 23.75 2.21
N CYS A 152 4.59 22.88 2.46
CA CYS A 152 4.72 21.65 1.72
C CYS A 152 3.81 20.64 2.39
N VAL A 153 2.76 20.21 1.71
CA VAL A 153 1.84 19.32 2.40
C VAL A 153 2.11 17.83 2.14
N LEU A 154 2.74 17.50 1.03
CA LEU A 154 3.14 16.17 0.66
C LEU A 154 4.55 16.19 0.08
N ALA A 155 5.39 15.29 0.55
CA ALA A 155 6.77 15.21 0.10
C ALA A 155 6.89 14.24 -1.02
N LYS A 156 7.82 14.49 -1.97
CA LYS A 156 8.21 13.50 -2.95
C LYS A 156 8.62 12.20 -2.31
N GLY A 157 8.21 11.10 -2.90
CA GLY A 157 8.34 9.78 -2.32
C GLY A 157 7.20 9.24 -1.50
N THR A 158 6.16 10.05 -1.33
CA THR A 158 4.99 9.65 -0.59
C THR A 158 4.17 8.68 -1.45
N HIS A 159 3.74 7.57 -0.85
CA HIS A 159 3.06 6.49 -1.50
C HIS A 159 1.63 6.76 -1.15
N MET A 160 0.85 7.13 -2.12
CA MET A 160 -0.45 7.77 -1.84
C MET A 160 -1.63 6.79 -1.59
N GLY A 161 -2.36 7.02 -0.49
CA GLY A 161 -3.67 6.42 -0.35
C GLY A 161 -4.81 7.46 -0.37
N PRO A 162 -6.01 7.04 0.07
CA PRO A 162 -7.12 7.98 0.03
C PRO A 162 -6.97 9.34 0.68
N SER A 163 -6.37 9.42 1.84
CA SER A 163 -6.22 10.67 2.54
C SER A 163 -5.26 11.61 1.79
N GLU A 164 -4.26 11.06 1.09
CA GLU A 164 -3.34 11.88 0.33
C GLU A 164 -4.12 12.44 -0.90
N ILE A 165 -4.97 11.62 -1.51
CA ILE A 165 -5.81 12.07 -2.69
C ILE A 165 -6.67 13.25 -2.18
N GLY A 166 -7.24 13.08 -1.02
CA GLY A 166 -8.04 14.13 -0.44
C GLY A 166 -7.31 15.43 -0.11
N LEU A 167 -6.04 15.29 0.28
CA LEU A 167 -5.17 16.44 0.55
C LEU A 167 -4.82 17.19 -0.78
N LEU A 168 -4.58 16.43 -1.85
CA LEU A 168 -4.40 17.04 -3.15
C LEU A 168 -5.64 17.87 -3.53
N ALA A 169 -6.80 17.30 -3.38
CA ALA A 169 -8.09 18.00 -3.66
C ALA A 169 -8.20 19.26 -2.82
N THR A 170 -7.92 19.15 -1.51
CA THR A 170 -7.95 20.24 -0.59
C THR A 170 -7.13 21.42 -1.09
N VAL A 171 -5.90 21.17 -1.55
CA VAL A 171 -5.00 22.24 -1.93
C VAL A 171 -5.14 22.62 -3.40
N GLY A 172 -5.98 21.89 -4.13
CA GLY A 172 -6.22 22.22 -5.53
C GLY A 172 -5.17 21.84 -6.46
N VAL A 173 -4.37 20.82 -6.08
CA VAL A 173 -3.33 20.36 -6.93
C VAL A 173 -3.85 19.09 -7.60
N THR A 174 -4.44 19.24 -8.77
CA THR A 174 -5.18 18.22 -9.41
C THR A 174 -4.40 17.45 -10.43
N GLU A 175 -3.20 17.95 -10.82
CA GLU A 175 -2.31 17.24 -11.69
C GLU A 175 -1.02 17.03 -10.99
N VAL A 176 -0.49 15.82 -10.94
CA VAL A 176 0.73 15.63 -10.17
C VAL A 176 1.66 14.70 -10.87
N GLU A 177 2.95 14.87 -10.59
CA GLU A 177 3.96 14.05 -11.18
C GLU A 177 4.21 12.83 -10.29
N VAL A 178 4.22 11.66 -10.88
CA VAL A 178 4.30 10.36 -10.16
C VAL A 178 5.23 9.47 -10.91
N ASN A 179 5.73 8.41 -10.29
CA ASN A 179 6.27 7.31 -11.06
C ASN A 179 5.22 6.51 -11.88
N LYS A 180 5.65 6.03 -13.05
CA LYS A 180 4.90 5.08 -13.85
C LYS A 180 4.72 3.79 -13.09
N PHE A 181 3.63 3.10 -13.41
CA PHE A 181 3.40 1.75 -12.98
C PHE A 181 4.06 0.83 -13.99
N PRO A 182 4.67 -0.28 -13.55
CA PRO A 182 5.14 -1.25 -14.49
C PRO A 182 4.02 -2.03 -15.27
N VAL A 183 4.22 -2.24 -16.58
CA VAL A 183 3.33 -3.09 -17.41
C VAL A 183 3.93 -4.46 -17.41
N VAL A 184 3.12 -5.44 -17.02
CA VAL A 184 3.60 -6.76 -16.75
C VAL A 184 2.97 -7.76 -17.73
N ALA A 185 3.80 -8.42 -18.52
CA ALA A 185 3.41 -9.40 -19.48
C ALA A 185 3.66 -10.78 -18.94
N VAL A 186 2.68 -11.67 -19.06
CA VAL A 186 2.80 -13.05 -18.47
C VAL A 186 2.55 -14.07 -19.56
N MET A 187 3.39 -15.09 -19.66
CA MET A 187 3.11 -16.15 -20.55
C MET A 187 3.31 -17.42 -19.79
N SER A 188 2.73 -18.50 -20.32
CA SER A 188 3.13 -19.83 -19.87
C SER A 188 3.76 -20.62 -20.96
N THR A 189 4.62 -21.56 -20.61
N THR A 189 4.65 -21.55 -20.62
CA THR A 189 5.22 -22.43 -21.60
CA THR A 189 5.16 -22.45 -21.67
C THR A 189 5.12 -23.88 -21.16
C THR A 189 5.21 -23.89 -21.20
N GLY A 190 4.97 -24.78 -22.14
CA GLY A 190 4.96 -26.19 -21.87
C GLY A 190 4.03 -26.83 -22.88
N ASN A 191 4.50 -27.86 -23.54
CA ASN A 191 3.67 -28.61 -24.44
C ASN A 191 2.47 -29.35 -23.85
N GLU A 192 2.40 -29.47 -22.54
CA GLU A 192 1.31 -30.13 -21.98
C GLU A 192 0.15 -29.23 -21.65
N LEU A 193 0.27 -27.92 -21.88
CA LEU A 193 -0.74 -26.98 -21.41
C LEU A 193 -1.86 -26.67 -22.35
N LEU A 194 -3.06 -26.59 -21.84
CA LEU A 194 -4.25 -26.13 -22.59
C LEU A 194 -4.82 -24.87 -21.94
N ASN A 195 -5.51 -24.06 -22.70
CA ASN A 195 -6.30 -22.97 -22.12
C ASN A 195 -7.37 -23.47 -21.15
N PRO A 196 -7.61 -22.70 -20.06
CA PRO A 196 -8.67 -23.01 -19.09
C PRO A 196 -9.98 -23.34 -19.72
N GLU A 197 -10.28 -22.71 -20.86
CA GLU A 197 -11.54 -22.90 -21.53
C GLU A 197 -11.64 -24.25 -22.29
N ASP A 198 -10.55 -25.01 -22.43
CA ASP A 198 -10.51 -26.23 -23.24
C ASP A 198 -10.91 -27.45 -22.41
N ASP A 199 -11.55 -28.39 -23.06
CA ASP A 199 -11.69 -29.73 -22.51
C ASP A 199 -10.29 -30.41 -22.59
N LEU A 200 -10.03 -31.32 -21.67
CA LEU A 200 -8.75 -32.07 -21.69
C LEU A 200 -8.60 -32.94 -22.91
N LEU A 201 -7.39 -32.98 -23.44
CA LEU A 201 -6.96 -33.92 -24.48
C LEU A 201 -5.86 -34.84 -23.86
N PRO A 202 -5.52 -35.94 -24.54
CA PRO A 202 -4.54 -36.84 -23.89
C PRO A 202 -3.19 -36.20 -23.68
N GLY A 203 -2.69 -36.37 -22.48
CA GLY A 203 -1.42 -35.90 -22.17
C GLY A 203 -1.38 -34.50 -21.68
N LYS A 204 -2.54 -33.80 -21.63
CA LYS A 204 -2.59 -32.39 -21.35
C LYS A 204 -3.32 -32.01 -20.10
N ILE A 205 -2.98 -30.84 -19.58
CA ILE A 205 -3.62 -30.26 -18.39
C ILE A 205 -3.95 -28.78 -18.68
N ARG A 206 -4.84 -28.18 -17.91
CA ARG A 206 -5.16 -26.77 -18.06
C ARG A 206 -4.08 -25.92 -17.40
N ASP A 207 -3.74 -24.84 -18.08
CA ASP A 207 -2.75 -23.89 -17.60
C ASP A 207 -3.42 -23.06 -16.53
N SER A 208 -2.96 -23.17 -15.32
CA SER A 208 -3.48 -22.35 -14.24
C SER A 208 -2.54 -21.22 -13.86
N ASN A 209 -1.26 -21.31 -14.17
CA ASN A 209 -0.31 -20.28 -13.64
C ASN A 209 -0.56 -18.88 -14.22
N ARG A 210 -0.93 -18.82 -15.47
CA ARG A 210 -1.03 -17.53 -16.15
C ARG A 210 -2.11 -16.82 -15.39
N SER A 211 -3.20 -17.53 -15.08
CA SER A 211 -4.33 -16.92 -14.36
C SER A 211 -3.96 -16.49 -12.95
N THR A 212 -3.25 -17.31 -12.21
CA THR A 212 -2.96 -17.00 -10.83
C THR A 212 -1.97 -15.83 -10.77
N LEU A 213 -1.01 -15.86 -11.70
CA LEU A 213 0.04 -14.82 -11.71
C LEU A 213 -0.54 -13.47 -12.16
N LEU A 214 -1.40 -13.51 -13.20
CA LEU A 214 -2.08 -12.27 -13.63
C LEU A 214 -2.91 -11.64 -12.52
N ALA A 215 -3.62 -12.49 -11.77
CA ALA A 215 -4.47 -12.05 -10.67
C ALA A 215 -3.66 -11.48 -9.57
N THR A 216 -2.52 -12.08 -9.33
CA THR A 216 -1.61 -11.58 -8.26
C THR A 216 -1.11 -10.18 -8.55
N ILE A 217 -0.70 -9.96 -9.79
CA ILE A 217 -0.22 -8.70 -10.20
C ILE A 217 -1.32 -7.63 -10.21
N GLN A 218 -2.48 -7.98 -10.76
CA GLN A 218 -3.64 -7.11 -10.76
C GLN A 218 -4.11 -6.72 -9.35
N GLU A 219 -4.05 -7.62 -8.40
CA GLU A 219 -4.42 -7.33 -7.05
C GLU A 219 -3.53 -6.19 -6.48
N HIS A 220 -2.31 -6.06 -6.99
CA HIS A 220 -1.43 -4.96 -6.60
C HIS A 220 -1.60 -3.69 -7.40
N GLY A 221 -2.48 -3.73 -8.39
CA GLY A 221 -2.87 -2.55 -9.13
C GLY A 221 -2.16 -2.29 -10.46
N TYR A 222 -1.30 -3.18 -10.89
CA TYR A 222 -0.48 -2.92 -12.09
C TYR A 222 -1.12 -3.45 -13.36
N PRO A 223 -0.92 -2.75 -14.48
CA PRO A 223 -1.50 -3.27 -15.74
C PRO A 223 -0.77 -4.53 -16.22
N THR A 224 -1.49 -5.42 -16.86
CA THR A 224 -0.95 -6.65 -17.27
C THR A 224 -1.27 -6.93 -18.73
N ILE A 225 -0.50 -7.84 -19.30
CA ILE A 225 -0.73 -8.27 -20.69
C ILE A 225 -0.67 -9.77 -20.67
N ASN A 226 -1.68 -10.41 -21.24
CA ASN A 226 -1.67 -11.85 -21.32
C ASN A 226 -0.98 -12.31 -22.62
N LEU A 227 0.15 -12.99 -22.54
CA LEU A 227 0.80 -13.41 -23.76
C LEU A 227 0.40 -14.81 -24.18
N GLY A 228 -0.43 -15.48 -23.37
CA GLY A 228 -0.93 -16.80 -23.61
C GLY A 228 0.03 -17.95 -23.39
N ILE A 229 -0.31 -19.10 -23.95
CA ILE A 229 0.55 -20.22 -23.89
C ILE A 229 1.50 -20.20 -25.11
N VAL A 230 2.75 -20.45 -24.84
CA VAL A 230 3.76 -20.40 -25.85
C VAL A 230 4.36 -21.75 -25.98
N GLY A 231 4.48 -22.22 -27.22
CA GLY A 231 5.14 -23.48 -27.51
C GLY A 231 6.53 -23.45 -26.91
N ASP A 232 6.92 -24.57 -26.27
CA ASP A 232 8.24 -24.67 -25.66
C ASP A 232 9.32 -24.96 -26.67
N ASN A 233 9.56 -23.99 -27.55
CA ASN A 233 10.65 -24.09 -28.53
C ASN A 233 11.26 -22.70 -28.86
N PRO A 234 12.55 -22.68 -29.31
CA PRO A 234 13.25 -21.42 -29.50
C PRO A 234 12.47 -20.42 -30.28
N ASP A 235 11.92 -20.85 -31.39
CA ASP A 235 11.26 -19.96 -32.33
C ASP A 235 10.06 -19.28 -31.68
N ASP A 236 9.15 -20.05 -31.11
CA ASP A 236 7.98 -19.43 -30.50
C ASP A 236 8.40 -18.71 -29.19
N LEU A 237 9.36 -19.22 -28.46
CA LEU A 237 9.76 -18.58 -27.18
C LEU A 237 10.37 -17.24 -27.49
N LEU A 238 11.26 -17.22 -28.48
CA LEU A 238 11.99 -16.01 -28.84
C LEU A 238 11.00 -14.99 -29.32
N ASN A 239 10.02 -15.37 -30.08
CA ASN A 239 8.98 -14.39 -30.49
C ASN A 239 8.06 -13.86 -29.40
N ALA A 240 7.66 -14.75 -28.49
CA ALA A 240 6.81 -14.35 -27.41
C ALA A 240 7.63 -13.37 -26.58
N LEU A 241 8.90 -13.69 -26.35
CA LEU A 241 9.78 -12.88 -25.48
C LEU A 241 10.02 -11.55 -26.10
N ASN A 242 10.20 -11.52 -27.45
CA ASN A 242 10.28 -10.22 -28.17
C ASN A 242 9.02 -9.42 -28.10
N GLU A 243 7.87 -10.07 -28.22
CA GLU A 243 6.58 -9.33 -28.12
C GLU A 243 6.37 -8.79 -26.68
N GLY A 244 6.83 -9.54 -25.68
CA GLY A 244 6.75 -9.12 -24.25
C GLY A 244 7.65 -7.88 -24.02
N ILE A 245 8.92 -8.00 -24.40
CA ILE A 245 9.93 -6.89 -24.36
C ILE A 245 9.38 -5.67 -25.07
N SER A 246 8.72 -5.87 -26.18
CA SER A 246 8.20 -4.71 -26.87
C SER A 246 6.99 -4.12 -26.17
N ARG A 247 6.25 -4.92 -25.41
CA ARG A 247 4.96 -4.42 -24.92
C ARG A 247 5.02 -4.02 -23.40
N ALA A 248 6.05 -4.46 -22.72
CA ALA A 248 6.00 -4.40 -21.30
C ALA A 248 7.35 -4.09 -20.69
N ASP A 249 7.32 -3.81 -19.39
CA ASP A 249 8.52 -3.45 -18.63
C ASP A 249 9.09 -4.71 -18.01
N VAL A 250 8.16 -5.63 -17.76
CA VAL A 250 8.45 -6.86 -17.06
C VAL A 250 7.86 -8.01 -17.82
N ILE A 251 8.61 -9.11 -17.94
CA ILE A 251 8.08 -10.30 -18.56
C ILE A 251 8.24 -11.41 -17.56
N ILE A 252 7.14 -12.06 -17.25
CA ILE A 252 7.13 -13.26 -16.41
C ILE A 252 6.73 -14.48 -17.25
N THR A 253 7.56 -15.52 -17.21
CA THR A 253 7.24 -16.79 -17.82
C THR A 253 7.14 -17.79 -16.70
N SER A 254 6.33 -18.81 -16.90
CA SER A 254 6.39 -19.97 -16.04
CA SER A 254 6.40 -19.95 -16.06
C SER A 254 6.42 -21.21 -16.90
N GLY A 255 7.16 -22.21 -16.44
CA GLY A 255 7.33 -23.49 -17.16
C GLY A 255 8.68 -23.54 -17.92
N GLY A 256 9.06 -24.73 -18.39
CA GLY A 256 10.32 -24.97 -19.17
C GLY A 256 11.70 -24.63 -18.57
N VAL A 257 11.81 -24.75 -17.26
CA VAL A 257 13.10 -24.42 -16.61
C VAL A 257 13.55 -25.60 -15.76
N ASP A 263 16.46 -27.47 -22.11
CA ASP A 263 16.12 -26.18 -21.52
C ASP A 263 16.24 -25.00 -22.51
N TYR A 264 15.29 -24.95 -23.42
CA TYR A 264 15.30 -23.91 -24.42
C TYR A 264 15.22 -22.48 -23.85
N LEU A 265 14.57 -22.32 -22.69
CA LEU A 265 14.32 -20.93 -22.20
C LEU A 265 15.60 -20.18 -21.84
N LYS A 266 16.37 -20.75 -20.96
CA LYS A 266 17.59 -20.10 -20.56
C LYS A 266 18.56 -19.92 -21.75
N GLN A 267 18.47 -20.79 -22.77
CA GLN A 267 19.29 -20.66 -24.00
C GLN A 267 18.92 -19.46 -24.87
N VAL A 268 17.63 -19.19 -25.00
CA VAL A 268 17.15 -18.08 -25.85
C VAL A 268 17.50 -16.77 -25.21
N LEU A 269 17.43 -16.74 -23.89
CA LEU A 269 17.64 -15.47 -23.18
C LEU A 269 19.10 -15.09 -23.38
N ASP A 270 19.97 -16.04 -23.11
CA ASP A 270 21.39 -15.76 -23.22
C ASP A 270 21.86 -15.63 -24.68
N ILE A 271 21.59 -16.63 -25.52
CA ILE A 271 22.10 -16.65 -26.90
C ILE A 271 21.31 -15.78 -27.86
N ASP A 272 20.01 -15.94 -27.90
CA ASP A 272 19.24 -15.19 -28.90
C ASP A 272 18.81 -13.81 -28.46
N LEU A 273 18.52 -13.64 -27.17
CA LEU A 273 18.09 -12.33 -26.66
C LEU A 273 19.25 -11.48 -26.14
N HIS A 274 20.32 -12.12 -25.68
CA HIS A 274 21.50 -11.42 -25.17
C HIS A 274 21.26 -10.75 -23.80
N ALA A 275 20.55 -11.47 -22.94
CA ALA A 275 20.18 -11.02 -21.62
C ALA A 275 21.14 -11.60 -20.64
N GLN A 276 21.25 -10.92 -19.51
CA GLN A 276 22.14 -11.26 -18.51
C GLN A 276 21.31 -12.04 -17.53
N ILE A 277 21.62 -13.32 -17.38
CA ILE A 277 21.02 -14.13 -16.38
C ILE A 277 21.81 -14.01 -15.12
N HIS A 278 21.16 -13.55 -14.05
CA HIS A 278 21.84 -13.25 -12.82
C HIS A 278 21.78 -14.43 -11.88
N PHE A 279 20.69 -15.18 -11.92
CA PHE A 279 20.66 -16.44 -11.26
C PHE A 279 19.72 -17.37 -11.94
N GLY A 280 19.99 -18.65 -11.79
CA GLY A 280 19.12 -19.66 -12.39
C GLY A 280 18.67 -20.76 -11.45
N ARG A 281 19.25 -20.81 -10.27
CA ARG A 281 18.78 -21.73 -9.26
C ARG A 281 18.93 -21.04 -7.92
N VAL A 282 17.92 -21.22 -7.08
CA VAL A 282 17.88 -20.57 -5.77
C VAL A 282 17.80 -21.65 -4.73
N PHE A 283 18.65 -21.54 -3.72
CA PHE A 283 18.59 -22.49 -2.60
C PHE A 283 17.38 -22.16 -1.69
N MET A 284 16.18 -22.60 -2.17
CA MET A 284 14.89 -22.37 -1.50
C MET A 284 13.90 -23.47 -1.79
N LYS A 285 12.86 -23.49 -0.96
CA LYS A 285 11.79 -24.43 -1.08
C LYS A 285 10.38 -23.81 -0.92
N PRO A 286 9.48 -23.95 -1.91
CA PRO A 286 9.75 -24.40 -3.25
C PRO A 286 10.43 -23.27 -3.99
N GLY A 287 10.73 -23.45 -5.26
CA GLY A 287 11.34 -22.39 -6.06
C GLY A 287 12.71 -22.62 -6.60
N LEU A 288 13.26 -23.81 -6.40
CA LEU A 288 14.65 -24.07 -6.77
C LEU A 288 15.04 -23.60 -8.20
N PRO A 289 14.20 -23.86 -9.23
CA PRO A 289 14.65 -23.50 -10.60
C PRO A 289 14.42 -22.03 -11.06
N THR A 290 13.96 -21.17 -10.15
CA THR A 290 13.71 -19.79 -10.48
C THR A 290 14.89 -19.03 -11.10
N THR A 291 14.62 -18.22 -12.14
CA THR A 291 15.58 -17.55 -12.92
C THR A 291 15.24 -16.08 -13.13
N PHE A 292 16.24 -15.22 -12.99
CA PHE A 292 16.07 -13.80 -13.12
C PHE A 292 17.11 -13.27 -14.07
N ALA A 293 16.66 -12.44 -14.96
CA ALA A 293 17.51 -11.89 -15.96
C ALA A 293 17.07 -10.48 -16.26
N THR A 294 17.99 -9.67 -16.76
CA THR A 294 17.73 -8.29 -17.24
C THR A 294 18.27 -8.16 -18.63
N LEU A 295 17.70 -7.21 -19.34
CA LEU A 295 18.03 -6.98 -20.70
C LEU A 295 18.02 -5.48 -20.86
N ASP A 296 19.16 -4.90 -21.26
CA ASP A 296 19.22 -3.45 -21.48
C ASP A 296 19.19 -3.14 -22.95
N ILE A 297 18.13 -2.46 -23.38
CA ILE A 297 17.97 -2.00 -24.76
C ILE A 297 17.36 -0.61 -24.63
N ASP A 298 17.92 0.41 -25.32
CA ASP A 298 17.47 1.85 -25.23
C ASP A 298 18.05 2.60 -24.03
N GLY A 299 19.07 2.04 -23.39
CA GLY A 299 19.31 2.40 -21.98
C GLY A 299 18.02 2.22 -21.16
N VAL A 300 17.15 1.32 -21.60
CA VAL A 300 15.97 0.92 -20.83
C VAL A 300 16.23 -0.48 -20.32
N ARG A 301 16.01 -0.69 -19.03
CA ARG A 301 16.22 -1.99 -18.52
C ARG A 301 14.93 -2.80 -18.38
N LYS A 302 14.86 -3.93 -19.08
CA LYS A 302 13.76 -4.89 -18.93
C LYS A 302 14.09 -5.94 -17.94
N ILE A 303 13.08 -6.37 -17.17
CA ILE A 303 13.30 -7.46 -16.27
C ILE A 303 12.46 -8.66 -16.67
N ILE A 304 13.04 -9.83 -16.44
CA ILE A 304 12.49 -11.10 -16.85
C ILE A 304 12.60 -12.12 -15.74
N PHE A 305 11.45 -12.67 -15.40
CA PHE A 305 11.40 -13.67 -14.42
C PHE A 305 10.96 -14.93 -15.09
N ALA A 306 11.74 -15.99 -14.91
CA ALA A 306 11.30 -17.29 -15.39
C ALA A 306 11.04 -18.14 -14.18
N LEU A 307 9.76 -18.29 -13.88
CA LEU A 307 9.34 -18.99 -12.69
C LEU A 307 9.11 -20.47 -12.96
N PRO A 308 9.11 -21.29 -11.88
CA PRO A 308 8.89 -22.71 -12.11
C PRO A 308 7.53 -22.98 -12.60
N GLY A 309 7.39 -24.09 -13.33
CA GLY A 309 6.10 -24.51 -13.84
C GLY A 309 5.17 -25.01 -12.75
N ASN A 310 5.68 -25.59 -11.70
CA ASN A 310 4.80 -26.11 -10.66
C ASN A 310 3.95 -24.96 -10.11
N PRO A 311 2.63 -25.14 -10.02
CA PRO A 311 1.71 -24.03 -9.68
C PRO A 311 1.92 -23.40 -8.31
N VAL A 312 2.16 -24.21 -7.30
CA VAL A 312 2.48 -23.68 -5.95
C VAL A 312 3.77 -22.86 -6.02
N SER A 313 4.82 -23.39 -6.67
CA SER A 313 6.07 -22.66 -6.78
C SER A 313 5.95 -21.36 -7.51
N ALA A 314 5.17 -21.35 -8.62
CA ALA A 314 4.99 -20.13 -9.41
C ALA A 314 4.40 -19.03 -8.52
N VAL A 315 3.38 -19.33 -7.71
CA VAL A 315 2.71 -18.34 -6.80
CA VAL A 315 2.74 -18.24 -6.90
C VAL A 315 3.62 -17.76 -5.73
N VAL A 316 4.36 -18.67 -5.10
CA VAL A 316 5.27 -18.33 -3.95
C VAL A 316 6.38 -17.44 -4.43
N THR A 317 7.01 -17.83 -5.53
CA THR A 317 8.09 -17.07 -6.15
C THR A 317 7.66 -15.75 -6.67
N CYS A 318 6.42 -15.66 -7.14
CA CYS A 318 5.92 -14.37 -7.57
C CYS A 318 5.81 -13.38 -6.41
N ASN A 319 5.37 -13.87 -5.24
CA ASN A 319 5.22 -13.03 -4.10
C ASN A 319 6.56 -12.67 -3.49
N LEU A 320 7.53 -13.58 -3.52
CA LEU A 320 8.86 -13.30 -2.94
C LEU A 320 9.74 -12.37 -3.80
N PHE A 321 9.76 -12.60 -5.10
CA PHE A 321 10.61 -11.88 -6.01
C PHE A 321 9.95 -10.77 -6.87
N VAL A 322 8.80 -11.10 -7.43
CA VAL A 322 8.22 -10.25 -8.44
C VAL A 322 7.56 -9.03 -7.83
N VAL A 323 6.74 -9.25 -6.82
CA VAL A 323 6.00 -8.15 -6.25
C VAL A 323 6.99 -7.05 -5.73
N PRO A 324 8.06 -7.44 -4.99
CA PRO A 324 8.99 -6.40 -4.57
C PRO A 324 9.66 -5.66 -5.69
N ALA A 325 9.94 -6.37 -6.77
CA ALA A 325 10.53 -5.68 -7.91
C ALA A 325 9.57 -4.67 -8.49
N LEU A 326 8.30 -5.05 -8.61
CA LEU A 326 7.28 -4.12 -9.19
C LEU A 326 7.12 -2.89 -8.32
N ARG A 327 7.12 -3.13 -7.01
CA ARG A 327 7.08 -2.04 -6.04
C ARG A 327 8.24 -1.03 -6.20
N LYS A 328 9.42 -1.56 -6.43
CA LYS A 328 10.57 -0.69 -6.74
C LYS A 328 10.34 0.06 -8.02
N MET A 329 9.89 -0.63 -9.07
CA MET A 329 9.69 -0.01 -10.37
C MET A 329 8.75 1.17 -10.30
N GLN A 330 7.72 1.01 -9.50
CA GLN A 330 6.69 2.06 -9.37
C GLN A 330 7.05 3.14 -8.34
N GLY A 331 8.28 3.14 -7.87
CA GLY A 331 8.81 4.24 -7.10
C GLY A 331 8.76 4.14 -5.58
N ILE A 332 8.31 3.04 -5.06
CA ILE A 332 8.17 2.90 -3.62
C ILE A 332 9.63 2.84 -3.08
N LEU A 333 9.94 3.69 -2.14
CA LEU A 333 11.35 3.84 -1.73
C LEU A 333 11.91 2.59 -1.03
N ASP A 334 11.15 2.05 -0.11
CA ASP A 334 11.47 0.75 0.49
C ASP A 334 10.44 -0.30 0.00
N PRO A 335 10.77 -1.10 -1.04
CA PRO A 335 9.78 -1.96 -1.65
C PRO A 335 9.67 -3.35 -0.99
N ARG A 336 10.37 -3.51 0.10
CA ARG A 336 10.39 -4.80 0.72
C ARG A 336 9.02 -5.11 1.32
N PRO A 337 8.69 -6.39 1.36
CA PRO A 337 7.38 -6.80 1.89
C PRO A 337 7.31 -6.65 3.45
N THR A 338 6.11 -6.56 3.98
CA THR A 338 5.87 -6.53 5.47
C THR A 338 5.91 -7.93 6.03
N ILE A 339 6.74 -8.08 7.03
CA ILE A 339 6.95 -9.36 7.68
C ILE A 339 6.52 -9.18 9.13
N ILE A 340 5.59 -10.02 9.55
CA ILE A 340 5.02 -9.99 10.89
C ILE A 340 5.37 -11.29 11.61
N LYS A 341 5.19 -11.28 12.94
CA LYS A 341 5.35 -12.47 13.80
C LYS A 341 3.99 -13.14 14.01
N ALA A 342 4.00 -14.45 13.94
CA ALA A 342 2.83 -15.24 14.15
C ALA A 342 3.26 -16.53 14.95
N ARG A 343 2.25 -17.23 15.45
CA ARG A 343 2.35 -18.54 16.08
C ARG A 343 1.92 -19.64 15.14
N LEU A 344 2.78 -20.64 14.99
CA LEU A 344 2.44 -21.80 14.16
C LEU A 344 1.27 -22.56 14.68
N SER A 345 0.37 -22.92 13.79
CA SER A 345 -0.75 -23.75 14.18
C SER A 345 -0.44 -25.26 14.23
N CYS A 346 0.69 -25.69 13.72
CA CYS A 346 1.04 -27.13 13.62
C CYS A 346 2.48 -27.27 13.64
N ASP A 347 2.95 -28.40 14.12
CA ASP A 347 4.37 -28.73 14.11
C ASP A 347 4.88 -28.79 12.68
N VAL A 348 6.16 -28.60 12.46
CA VAL A 348 6.66 -28.59 11.11
C VAL A 348 8.13 -28.96 11.14
N LYS A 349 8.53 -29.91 10.28
CA LYS A 349 9.95 -30.36 10.20
C LYS A 349 10.61 -29.33 9.33
N LEU A 350 11.80 -28.88 9.70
CA LEU A 350 12.50 -27.94 8.87
C LEU A 350 13.31 -28.68 7.77
N ASP A 351 13.42 -28.02 6.64
CA ASP A 351 14.22 -28.44 5.51
C ASP A 351 15.57 -27.72 5.59
N PRO A 352 16.64 -28.28 4.96
CA PRO A 352 17.86 -27.50 4.96
C PRO A 352 17.66 -26.24 4.13
N ARG A 353 16.69 -26.25 3.25
CA ARG A 353 16.44 -25.04 2.46
C ARG A 353 15.47 -24.17 3.26
N PRO A 354 15.63 -22.86 3.18
CA PRO A 354 14.54 -21.97 3.64
C PRO A 354 13.28 -22.27 2.92
N GLU A 355 12.20 -22.32 3.66
CA GLU A 355 10.97 -22.85 3.13
C GLU A 355 9.79 -21.87 3.30
N TYR A 356 8.92 -21.84 2.30
CA TYR A 356 7.84 -20.83 2.24
C TYR A 356 6.58 -21.54 1.94
N HIS A 357 5.55 -21.20 2.67
CA HIS A 357 4.27 -21.87 2.43
C HIS A 357 3.14 -20.92 2.64
N ARG A 358 2.16 -20.96 1.77
CA ARG A 358 0.96 -20.16 1.96
C ARG A 358 0.27 -20.43 3.27
N CYS A 359 -0.24 -19.39 3.91
CA CYS A 359 -0.94 -19.60 5.16
C CYS A 359 -2.04 -18.64 5.36
N ILE A 360 -2.90 -18.93 6.31
CA ILE A 360 -3.92 -17.99 6.71
C ILE A 360 -3.64 -17.44 8.12
N LEU A 361 -3.66 -16.12 8.24
CA LEU A 361 -3.38 -15.42 9.53
C LEU A 361 -4.69 -15.02 10.17
N THR A 362 -4.81 -15.29 11.45
CA THR A 362 -6.03 -15.05 12.21
C THR A 362 -5.68 -14.55 13.62
N TRP A 363 -6.34 -13.48 14.04
CA TRP A 363 -6.13 -12.96 15.39
C TRP A 363 -7.23 -13.43 16.26
N HIS A 364 -6.90 -14.05 17.40
CA HIS A 364 -7.93 -14.51 18.32
C HIS A 364 -8.13 -13.48 19.44
N HIS A 365 -9.23 -13.64 20.19
CA HIS A 365 -9.58 -12.72 21.31
C HIS A 365 -8.39 -12.38 22.25
N GLN A 366 -8.02 -11.11 22.26
CA GLN A 366 -7.03 -10.53 23.18
C GLN A 366 -5.69 -11.24 23.19
N GLU A 367 -5.30 -11.79 22.04
CA GLU A 367 -4.04 -12.45 21.89
C GLU A 367 -3.17 -11.53 21.09
N PRO A 368 -1.97 -11.28 21.54
CA PRO A 368 -1.19 -10.31 20.81
C PRO A 368 -0.60 -10.82 19.50
N LEU A 369 -0.41 -12.13 19.35
CA LEU A 369 0.11 -12.66 18.07
C LEU A 369 -0.97 -13.36 17.28
N PRO A 370 -0.99 -13.20 15.95
CA PRO A 370 -1.92 -14.01 15.17
C PRO A 370 -1.48 -15.45 15.05
N TRP A 371 -2.38 -16.35 14.79
CA TRP A 371 -2.00 -17.72 14.42
C TRP A 371 -1.84 -17.81 12.92
N ALA A 372 -0.81 -18.53 12.49
CA ALA A 372 -0.58 -18.90 11.11
C ALA A 372 -0.90 -20.36 10.87
N GLN A 373 -1.88 -20.58 10.01
CA GLN A 373 -2.29 -21.90 9.65
C GLN A 373 -1.97 -22.21 8.18
N SER A 374 -1.10 -23.18 7.99
CA SER A 374 -0.71 -23.58 6.65
C SER A 374 -1.89 -24.08 5.81
N THR A 375 -2.03 -23.56 4.59
CA THR A 375 -3.14 -23.96 3.71
C THR A 375 -3.05 -25.44 3.27
N GLY A 376 -4.21 -26.00 2.91
CA GLY A 376 -4.36 -27.40 2.39
C GLY A 376 -4.64 -28.58 3.35
N ASN A 377 -4.53 -28.38 4.68
CA ASN A 377 -4.61 -29.47 5.69
C ASN A 377 -5.82 -29.43 6.67
N GLN A 378 -6.50 -28.27 6.65
CA GLN A 378 -7.61 -27.88 7.52
C GLN A 378 -8.52 -29.03 7.95
N SER A 381 -10.79 -26.73 10.28
CA SER A 381 -12.25 -26.59 10.14
C SER A 381 -12.74 -26.23 8.70
N ARG A 382 -14.05 -26.39 8.50
CA ARG A 382 -14.79 -25.96 7.28
C ARG A 382 -14.40 -24.55 6.82
N LEU A 383 -14.79 -23.56 7.63
CA LEU A 383 -14.61 -22.12 7.36
C LEU A 383 -13.10 -21.74 7.11
N MET A 384 -12.21 -22.36 7.90
CA MET A 384 -10.75 -22.20 7.70
C MET A 384 -10.20 -22.81 6.40
N SER A 385 -10.73 -23.97 5.97
CA SER A 385 -10.38 -24.60 4.65
C SER A 385 -10.90 -23.73 3.50
N MET A 386 -11.89 -22.92 3.79
CA MET A 386 -12.46 -22.02 2.79
C MET A 386 -11.66 -20.78 2.71
N ARG A 387 -10.80 -20.45 3.69
CA ARG A 387 -10.29 -19.04 3.60
C ARG A 387 -9.14 -18.78 2.57
N SER A 388 -9.10 -17.60 1.98
CA SER A 388 -7.98 -17.19 1.08
C SER A 388 -6.62 -16.80 1.74
N ALA A 389 -5.49 -17.21 1.15
CA ALA A 389 -4.13 -17.05 1.77
C ALA A 389 -3.84 -15.60 1.94
N ASN A 390 -3.49 -15.15 3.15
CA ASN A 390 -3.06 -13.79 3.32
C ASN A 390 -1.64 -13.66 3.83
N GLY A 391 -1.00 -14.80 4.04
CA GLY A 391 0.40 -14.82 4.46
C GLY A 391 1.22 -15.85 3.70
N LEU A 392 2.54 -15.64 3.74
CA LEU A 392 3.53 -16.60 3.37
C LEU A 392 4.42 -16.90 4.57
N LEU A 393 4.25 -18.09 5.11
CA LEU A 393 5.08 -18.56 6.18
C LEU A 393 6.53 -18.66 5.71
N MET A 394 7.46 -18.15 6.51
CA MET A 394 8.89 -18.14 6.18
C MET A 394 9.64 -18.99 7.15
N LEU A 395 9.78 -20.26 6.82
CA LEU A 395 10.42 -21.18 7.76
C LEU A 395 11.94 -21.10 7.72
N PRO A 396 12.60 -21.10 8.89
CA PRO A 396 14.05 -21.13 8.94
C PRO A 396 14.67 -22.39 8.40
N PRO A 397 15.89 -22.27 7.86
CA PRO A 397 16.61 -23.49 7.41
C PRO A 397 16.92 -24.41 8.59
N LYS A 398 16.92 -25.70 8.39
CA LYS A 398 17.31 -26.65 9.45
C LYS A 398 18.69 -26.30 9.96
N THR A 399 18.89 -26.41 11.28
CA THR A 399 20.23 -26.42 11.94
C THR A 399 20.42 -27.62 12.95
N GLU A 400 21.58 -27.67 13.61
CA GLU A 400 21.80 -28.71 14.62
C GLU A 400 20.90 -28.45 15.84
N GLN A 401 20.61 -27.17 16.12
CA GLN A 401 19.76 -26.81 17.25
C GLN A 401 18.30 -26.91 16.90
N TYR A 402 17.93 -26.51 15.68
CA TYR A 402 16.52 -26.46 15.30
C TYR A 402 16.29 -27.40 14.15
N VAL A 403 15.58 -28.48 14.43
CA VAL A 403 15.27 -29.47 13.42
C VAL A 403 13.77 -29.49 13.14
N GLU A 404 13.00 -28.93 14.07
CA GLU A 404 11.56 -29.08 14.09
C GLU A 404 11.04 -27.86 14.82
N LEU A 405 9.89 -27.32 14.40
CA LEU A 405 9.23 -26.27 15.14
C LEU A 405 7.90 -26.82 15.54
N HIS A 406 7.41 -26.34 16.68
CA HIS A 406 6.18 -26.86 17.28
C HIS A 406 5.08 -25.91 17.25
N LYS A 407 3.89 -26.48 17.30
CA LYS A 407 2.69 -25.70 17.42
C LYS A 407 2.91 -24.63 18.49
N GLY A 408 2.52 -23.37 18.22
CA GLY A 408 2.69 -22.34 19.20
C GLY A 408 3.97 -21.56 19.13
N GLU A 409 4.99 -22.06 18.48
CA GLU A 409 6.22 -21.31 18.34
C GLU A 409 6.07 -20.18 17.34
N VAL A 410 6.96 -19.19 17.52
CA VAL A 410 6.82 -17.92 16.90
C VAL A 410 7.59 -17.94 15.61
N VAL A 411 6.88 -17.57 14.57
CA VAL A 411 7.49 -17.58 13.21
C VAL A 411 7.27 -16.24 12.47
N ASP A 412 8.07 -16.03 11.43
CA ASP A 412 7.96 -14.91 10.49
C ASP A 412 6.94 -15.27 9.44
N VAL A 413 6.11 -14.31 9.04
CA VAL A 413 5.13 -14.51 7.96
C VAL A 413 5.12 -13.21 7.15
N MET A 414 5.25 -13.36 5.84
CA MET A 414 5.17 -12.27 4.96
C MET A 414 3.72 -12.01 4.62
N VAL A 415 3.31 -10.77 4.73
CA VAL A 415 1.93 -10.43 4.39
C VAL A 415 1.73 -10.40 2.85
N ILE A 416 0.82 -11.20 2.33
CA ILE A 416 0.58 -11.18 0.85
C ILE A 416 -0.85 -10.81 0.42
N GLY A 417 -1.72 -10.69 1.40
CA GLY A 417 -3.10 -10.32 1.23
C GLY A 417 -3.58 -9.24 2.21
N ARG A 418 -4.77 -8.71 1.92
CA ARG A 418 -5.52 -7.92 2.88
CA ARG A 418 -5.50 -7.91 2.91
C ARG A 418 -5.65 -8.69 4.24
N LEU A 419 -5.38 -8.04 5.35
CA LEU A 419 -5.48 -8.84 6.58
C LEU A 419 -6.92 -9.16 7.01
N PHE B 1 15.25 -6.57 8.77
CA PHE B 1 14.56 -7.27 7.69
C PHE B 1 15.42 -8.44 7.25
N ASN B 2 14.78 -9.56 6.98
CA ASN B 2 15.42 -10.62 6.23
CA ASN B 2 15.39 -10.57 6.16
C ASN B 2 14.34 -11.41 5.47
N ILE B 3 14.71 -11.86 4.28
CA ILE B 3 13.81 -12.62 3.44
C ILE B 3 13.79 -14.11 3.83
N VAL B 4 14.81 -14.56 4.54
CA VAL B 4 14.84 -15.90 5.07
C VAL B 4 14.28 -15.92 6.50
N GLY B 5 13.34 -16.82 6.78
CA GLY B 5 12.73 -16.96 8.09
C GLY B 5 13.72 -17.22 9.24
N THR B 6 13.36 -16.69 10.41
CA THR B 6 14.16 -16.81 11.62
C THR B 6 13.46 -17.62 12.73
N THR B 7 14.25 -17.98 13.75
CA THR B 7 13.62 -18.46 14.98
C THR B 7 13.50 -17.26 15.89
N TYR B 8 12.60 -17.34 16.86
CA TYR B 8 12.38 -16.22 17.76
C TYR B 8 13.30 -16.35 18.98
N PRO B 9 13.99 -15.26 19.39
CA PRO B 9 14.89 -15.22 20.57
C PRO B 9 14.17 -15.11 21.91
N CYS B 10 12.86 -14.84 21.93
CA CYS B 10 12.21 -14.45 23.16
C CYS B 10 11.03 -15.34 23.55
N PHE C 1 23.57 -9.03 34.91
CA PHE C 1 23.29 -8.62 36.32
C PHE C 1 23.77 -7.22 36.60
N ASN C 2 22.87 -6.37 37.05
CA ASN C 2 23.26 -5.04 37.50
CA ASN C 2 23.26 -5.04 37.50
C ASN C 2 22.52 -4.66 38.76
N ILE C 3 23.27 -4.17 39.75
CA ILE C 3 22.71 -3.77 41.02
C ILE C 3 21.79 -2.56 40.85
N VAL C 4 22.01 -1.81 39.77
CA VAL C 4 21.18 -0.65 39.47
C VAL C 4 20.05 -1.02 38.52
N GLY C 5 18.81 -0.82 38.96
CA GLY C 5 17.65 -1.18 38.16
C GLY C 5 17.75 -0.67 36.73
N THR C 6 17.30 -1.47 35.78
CA THR C 6 17.26 -1.04 34.39
C THR C 6 15.81 -1.01 33.91
N THR C 7 15.59 -0.45 32.72
CA THR C 7 14.27 -0.44 32.08
C THR C 7 14.20 -1.61 31.12
N TYR C 8 12.98 -1.94 30.69
CA TYR C 8 12.76 -3.16 29.91
C TYR C 8 12.76 -2.90 28.40
N PRO C 9 13.79 -3.39 27.68
CA PRO C 9 13.95 -3.23 26.22
C PRO C 9 12.76 -3.74 25.43
N CYS C 10 12.16 -4.85 25.86
CA CYS C 10 10.94 -5.33 25.23
C CYS C 10 9.77 -4.52 25.81
#